data_1EEP
#
_entry.id   1EEP
#
_cell.length_a   123.280
_cell.length_b   123.280
_cell.length_c   130.110
_cell.angle_alpha   90.00
_cell.angle_beta   90.00
_cell.angle_gamma   90.00
#
_symmetry.space_group_name_H-M   'I 4'
#
loop_
_entity.id
_entity.type
_entity.pdbx_description
1 polymer "INOSINE 5'-MONOPHOSPHATE DEHYDROGENASE"
2 non-polymer 'SULFATE ION'
3 water water
#
_entity_poly.entity_id   1
_entity_poly.type   'polypeptide(L)'
_entity_poly.pdbx_seq_one_letter_code
;MPNKITKEALTFDDVSLIPRKSSVLPSEVSLKTQLTKNISLNIPFLSSAMDTVTESQMAIAIAKEGGIGIIHKNMSIEAQ
RKEIEKVKTYKFQKTINTNGDTNEQKPEIFTAKQHLEKSDAYKNAEHKEDFPNACKDLNNKLRVGAAVSIDIDTIERVEE
LVKAHVDILVIDSAHGHSTRIIELIKKIKTKYPNLDLIAGNIVTKEAALDLISVGADCLKVGIGPGSICTTRIVAGVGVP
QITAICDVYEACNNTNICIIADGGIRFSGDVVKAIAAGADSVMIGNLFAGTKESPSEEIIYNGKKFKSYVGMGSISAMKR
GSKSRYFQLENNEPKKLVPEGIEGMVPYSGKLKDILTQLKGGLMSGMGYLGAATISDLKINSKFVKISHSSLKESHPHDV
FSIT
;
_entity_poly.pdbx_strand_id   A,B
#
# COMPACT_ATOMS: atom_id res chain seq x y z
N ASN A 3 1.16 71.50 5.87
CA ASN A 3 1.27 70.25 6.66
C ASN A 3 2.63 70.15 7.34
N LYS A 4 2.70 70.64 8.58
CA LYS A 4 3.94 70.61 9.36
C LYS A 4 4.54 69.22 9.48
N ILE A 5 3.71 68.25 9.86
CA ILE A 5 4.15 66.87 10.02
C ILE A 5 3.79 66.11 8.75
N THR A 6 4.66 66.24 7.74
CA THR A 6 4.45 65.61 6.44
C THR A 6 4.16 64.12 6.41
N LYS A 7 4.97 63.32 7.10
CA LYS A 7 4.78 61.87 7.08
C LYS A 7 5.61 61.11 8.11
N GLU A 8 5.46 59.79 8.11
CA GLU A 8 6.23 58.94 9.01
C GLU A 8 7.44 58.42 8.21
N ALA A 9 8.63 58.55 8.79
CA ALA A 9 9.86 58.11 8.14
C ALA A 9 10.35 56.81 8.78
N LEU A 10 10.93 55.94 7.95
CA LEU A 10 11.42 54.63 8.41
C LEU A 10 12.94 54.44 8.43
N THR A 11 13.43 53.82 9.50
CA THR A 11 14.85 53.53 9.64
C THR A 11 14.98 52.05 9.25
N PHE A 12 16.20 51.51 9.36
CA PHE A 12 16.45 50.11 9.03
C PHE A 12 15.63 49.14 9.90
N ASP A 13 15.47 49.48 11.18
CA ASP A 13 14.74 48.61 12.11
C ASP A 13 13.23 48.68 12.04
N ASP A 14 12.69 49.66 11.32
CA ASP A 14 11.24 49.77 11.20
C ASP A 14 10.76 48.95 10.03
N VAL A 15 11.67 48.17 9.47
CA VAL A 15 11.31 47.46 8.27
C VAL A 15 12.00 46.10 8.10
N SER A 16 11.37 45.21 7.33
CA SER A 16 11.93 43.90 7.05
C SER A 16 11.53 43.47 5.66
N LEU A 17 12.37 42.67 5.00
CA LEU A 17 12.12 42.23 3.64
C LEU A 17 11.32 40.94 3.56
N ILE A 18 10.39 40.91 2.63
CA ILE A 18 9.52 39.78 2.39
C ILE A 18 10.09 38.78 1.39
N PRO A 19 10.31 37.52 1.81
CA PRO A 19 10.86 36.50 0.90
C PRO A 19 10.07 36.43 -0.40
N ARG A 20 10.72 35.99 -1.47
CA ARG A 20 10.05 35.84 -2.76
C ARG A 20 10.43 34.50 -3.41
N LYS A 21 9.69 34.08 -4.42
CA LYS A 21 10.03 32.84 -5.10
C LYS A 21 11.44 33.03 -5.64
N SER A 22 12.35 32.13 -5.25
CA SER A 22 13.74 32.22 -5.70
C SER A 22 14.14 31.11 -6.67
N SER A 23 15.05 31.43 -7.59
CA SER A 23 15.54 30.46 -8.57
C SER A 23 17.06 30.44 -8.51
N VAL A 24 17.64 31.33 -7.71
CA VAL A 24 19.08 31.41 -7.59
C VAL A 24 19.58 31.13 -6.18
N LEU A 25 20.76 30.54 -6.12
CA LEU A 25 21.43 30.21 -4.87
C LEU A 25 22.33 31.41 -4.53
N PRO A 26 22.54 31.69 -3.23
CA PRO A 26 23.38 32.83 -2.84
C PRO A 26 24.72 32.87 -3.58
N SER A 27 25.24 31.69 -3.91
CA SER A 27 26.52 31.58 -4.61
C SER A 27 26.50 31.90 -6.10
N GLU A 28 25.32 31.90 -6.71
CA GLU A 28 25.17 32.19 -8.14
C GLU A 28 24.85 33.67 -8.40
N VAL A 29 24.68 34.41 -7.32
CA VAL A 29 24.33 35.83 -7.37
C VAL A 29 25.48 36.75 -7.77
N SER A 30 25.15 37.85 -8.47
CA SER A 30 26.16 38.82 -8.88
C SER A 30 26.08 40.10 -8.04
N LEU A 31 27.20 40.48 -7.43
CA LEU A 31 27.28 41.67 -6.59
C LEU A 31 27.74 42.92 -7.34
N LYS A 32 27.88 42.82 -8.66
CA LYS A 32 28.30 43.95 -9.47
C LYS A 32 27.29 45.08 -9.41
N THR A 33 27.77 46.31 -9.36
CA THR A 33 26.89 47.45 -9.31
C THR A 33 27.56 48.67 -9.94
N GLN A 34 26.86 49.80 -9.92
CA GLN A 34 27.38 51.03 -10.51
C GLN A 34 27.64 52.11 -9.47
N LEU A 35 28.79 52.77 -9.57
CA LEU A 35 29.13 53.87 -8.68
C LEU A 35 28.61 55.11 -9.41
N THR A 36 28.87 55.15 -10.71
CA THR A 36 28.40 56.20 -11.61
C THR A 36 28.10 55.44 -12.90
N LYS A 37 27.59 56.12 -13.91
CA LYS A 37 27.30 55.43 -15.17
C LYS A 37 28.60 55.00 -15.85
N ASN A 38 29.69 55.66 -15.51
CA ASN A 38 31.00 55.38 -16.10
C ASN A 38 31.90 54.48 -15.25
N ILE A 39 31.60 54.37 -13.96
CA ILE A 39 32.43 53.53 -13.09
C ILE A 39 31.59 52.49 -12.36
N SER A 40 31.91 51.22 -12.61
CA SER A 40 31.18 50.16 -11.95
C SER A 40 32.03 49.63 -10.79
N LEU A 41 31.43 48.84 -9.92
CA LEU A 41 32.14 48.23 -8.80
C LEU A 41 31.81 46.75 -8.86
N ASN A 42 32.66 45.91 -8.27
CA ASN A 42 32.38 44.48 -8.28
C ASN A 42 31.63 44.05 -7.02
N ILE A 43 31.69 44.87 -5.98
CA ILE A 43 30.94 44.67 -4.74
C ILE A 43 30.44 46.06 -4.35
N PRO A 44 29.14 46.19 -4.02
CA PRO A 44 28.46 47.42 -3.64
C PRO A 44 28.85 48.10 -2.32
N PHE A 45 30.14 48.14 -2.03
CA PHE A 45 30.63 48.75 -0.79
C PHE A 45 31.69 49.83 -1.00
N LEU A 46 31.62 50.88 -0.19
CA LEU A 46 32.60 51.97 -0.21
C LEU A 46 33.06 52.18 1.23
N SER A 47 34.32 52.53 1.43
CA SER A 47 34.81 52.79 2.77
C SER A 47 34.73 54.30 3.00
N SER A 48 34.15 54.68 4.12
CA SER A 48 33.94 56.08 4.49
C SER A 48 35.15 57.03 4.44
N ALA A 49 34.88 58.28 4.06
CA ALA A 49 35.90 59.31 4.01
C ALA A 49 36.09 59.89 5.42
N MET A 50 36.37 59.02 6.38
CA MET A 50 36.57 59.40 7.77
C MET A 50 38.04 59.21 8.08
N ASP A 51 38.64 60.16 8.79
CA ASP A 51 40.07 60.05 9.09
C ASP A 51 40.33 58.88 10.01
N THR A 52 39.26 58.21 10.40
CA THR A 52 39.40 57.06 11.28
C THR A 52 39.25 55.74 10.53
N VAL A 53 38.93 55.81 9.23
CA VAL A 53 38.77 54.57 8.49
C VAL A 53 39.45 54.48 7.12
N THR A 54 39.47 55.56 6.34
CA THR A 54 40.06 55.45 5.02
C THR A 54 41.26 56.28 4.59
N GLU A 55 42.37 55.60 4.36
CA GLU A 55 43.59 56.19 3.84
C GLU A 55 44.11 55.20 2.79
N SER A 56 45.36 55.32 2.36
CA SER A 56 45.85 54.42 1.31
C SER A 56 45.71 52.91 1.57
N GLN A 57 45.94 52.46 2.81
CA GLN A 57 45.83 51.03 3.10
C GLN A 57 44.41 50.47 3.03
N MET A 58 43.44 51.25 3.47
CA MET A 58 42.05 50.84 3.43
C MET A 58 41.58 50.86 1.97
N ALA A 59 42.01 51.88 1.23
CA ALA A 59 41.65 52.04 -0.17
C ALA A 59 42.13 50.87 -1.01
N ILE A 60 43.37 50.46 -0.79
CA ILE A 60 43.96 49.35 -1.52
C ILE A 60 43.24 48.05 -1.18
N ALA A 61 43.09 47.79 0.12
CA ALA A 61 42.43 46.59 0.59
C ALA A 61 41.02 46.37 0.03
N ILE A 62 40.20 47.41 0.01
CA ILE A 62 38.83 47.28 -0.47
C ILE A 62 38.72 47.26 -1.99
N ALA A 63 39.67 47.92 -2.67
CA ALA A 63 39.67 47.93 -4.13
C ALA A 63 40.08 46.54 -4.61
N LYS A 64 40.98 45.90 -3.86
CA LYS A 64 41.42 44.56 -4.21
C LYS A 64 40.27 43.58 -4.03
N GLU A 65 39.30 43.97 -3.20
CA GLU A 65 38.13 43.13 -2.94
C GLU A 65 36.98 43.44 -3.91
N GLY A 66 37.06 44.58 -4.60
CA GLY A 66 36.01 44.91 -5.55
C GLY A 66 35.21 46.18 -5.29
N GLY A 67 35.52 46.85 -4.19
CA GLY A 67 34.83 48.09 -3.87
C GLY A 67 35.77 49.25 -4.07
N ILE A 68 35.50 50.36 -3.40
CA ILE A 68 36.36 51.53 -3.53
C ILE A 68 36.46 52.28 -2.22
N GLY A 69 37.64 52.82 -1.94
CA GLY A 69 37.86 53.58 -0.73
C GLY A 69 37.92 55.05 -1.07
N ILE A 70 37.44 55.90 -0.16
CA ILE A 70 37.46 57.34 -0.38
C ILE A 70 38.34 57.97 0.69
N ILE A 71 39.54 58.37 0.28
CA ILE A 71 40.52 58.99 1.17
C ILE A 71 39.92 60.23 1.81
N HIS A 72 40.03 60.33 3.13
CA HIS A 72 39.48 61.46 3.86
C HIS A 72 40.24 62.75 3.56
N LYS A 73 39.61 63.88 3.83
CA LYS A 73 40.18 65.20 3.56
C LYS A 73 40.88 65.87 4.74
N ASN A 74 40.88 65.21 5.90
CA ASN A 74 41.50 65.79 7.08
C ASN A 74 43.02 65.64 7.05
N MET A 75 43.63 66.16 5.99
CA MET A 75 45.08 66.12 5.82
C MET A 75 45.49 67.15 4.78
N SER A 76 46.78 67.48 4.75
CA SER A 76 47.28 68.47 3.79
C SER A 76 46.97 68.05 2.36
N ILE A 77 47.00 69.00 1.44
CA ILE A 77 46.74 68.70 0.04
C ILE A 77 47.81 67.79 -0.53
N GLU A 78 49.05 67.99 -0.07
CA GLU A 78 50.16 67.17 -0.52
C GLU A 78 49.97 65.74 -0.03
N ALA A 79 49.57 65.60 1.23
CA ALA A 79 49.34 64.30 1.83
C ALA A 79 48.26 63.51 1.09
N GLN A 80 47.15 64.18 0.81
CA GLN A 80 46.03 63.55 0.13
C GLN A 80 46.41 63.10 -1.29
N ARG A 81 47.28 63.87 -1.94
CA ARG A 81 47.70 63.50 -3.28
C ARG A 81 48.56 62.25 -3.23
N LYS A 82 49.51 62.23 -2.30
CA LYS A 82 50.41 61.09 -2.14
C LYS A 82 49.64 59.81 -1.85
N GLU A 83 48.60 59.91 -1.00
CA GLU A 83 47.79 58.74 -0.66
C GLU A 83 47.16 58.17 -1.92
N ILE A 84 46.64 59.04 -2.79
CA ILE A 84 46.03 58.60 -4.02
C ILE A 84 47.08 57.88 -4.87
N GLU A 85 48.28 58.44 -4.93
CA GLU A 85 49.34 57.85 -5.71
C GLU A 85 49.75 56.47 -5.18
N LYS A 86 49.76 56.32 -3.86
CA LYS A 86 50.12 55.04 -3.26
C LYS A 86 49.16 53.95 -3.75
N VAL A 87 47.88 54.29 -3.75
CA VAL A 87 46.86 53.35 -4.19
C VAL A 87 47.00 53.07 -5.67
N LYS A 88 47.21 54.13 -6.43
CA LYS A 88 47.35 54.05 -7.89
C LYS A 88 48.64 53.41 -8.39
N THR A 89 49.64 53.30 -7.53
CA THR A 89 50.90 52.71 -7.94
C THR A 89 51.15 51.39 -7.23
N TYR A 90 50.09 50.81 -6.67
CA TYR A 90 50.20 49.55 -5.96
C TYR A 90 50.78 48.47 -6.87
N LYS A 91 51.43 47.48 -6.26
CA LYS A 91 52.05 46.37 -6.98
C LYS A 91 51.08 45.57 -7.85
N ASP A 130 45.42 35.44 -4.49
CA ASP A 130 44.87 36.22 -5.64
C ASP A 130 43.59 36.94 -5.25
N PHE A 131 43.26 38.00 -5.98
CA PHE A 131 42.07 38.79 -5.72
C PHE A 131 41.32 38.94 -7.04
N PRO A 132 40.42 37.98 -7.34
CA PRO A 132 39.61 37.94 -8.57
C PRO A 132 38.70 39.14 -8.81
N ASN A 133 38.19 39.72 -7.73
CA ASN A 133 37.26 40.83 -7.83
C ASN A 133 37.86 42.23 -7.85
N ALA A 134 39.19 42.33 -7.75
CA ALA A 134 39.85 43.63 -7.72
C ALA A 134 39.19 44.61 -8.68
N CYS A 135 39.07 45.86 -8.24
CA CYS A 135 38.43 46.89 -9.06
C CYS A 135 39.50 47.85 -9.58
N LYS A 136 39.77 47.80 -10.88
CA LYS A 136 40.79 48.64 -11.48
C LYS A 136 40.26 49.55 -12.58
N ASP A 137 41.04 50.57 -12.93
CA ASP A 137 40.64 51.48 -14.00
C ASP A 137 41.12 50.91 -15.33
N LEU A 138 40.72 51.53 -16.44
CA LEU A 138 41.12 51.05 -17.76
C LEU A 138 42.64 50.88 -17.93
N ASN A 139 43.41 51.42 -16.98
CA ASN A 139 44.86 51.31 -17.02
C ASN A 139 45.37 50.26 -16.03
N ASN A 140 44.45 49.41 -15.58
CA ASN A 140 44.77 48.35 -14.63
C ASN A 140 45.32 48.83 -13.29
N LYS A 141 44.95 50.04 -12.89
CA LYS A 141 45.38 50.57 -11.62
C LYS A 141 44.19 50.53 -10.68
N LEU A 142 44.42 50.19 -9.41
CA LEU A 142 43.34 50.12 -8.44
C LEU A 142 42.53 51.41 -8.35
N ARG A 143 41.21 51.26 -8.28
CA ARG A 143 40.31 52.40 -8.18
C ARG A 143 40.47 53.07 -6.82
N VAL A 144 40.17 54.36 -6.76
CA VAL A 144 40.23 55.10 -5.51
C VAL A 144 39.60 56.49 -5.66
N GLY A 145 39.00 56.98 -4.57
CA GLY A 145 38.35 58.27 -4.61
C GLY A 145 38.88 59.14 -3.50
N ALA A 146 38.48 60.41 -3.48
CA ALA A 146 38.95 61.33 -2.45
C ALA A 146 37.86 62.34 -2.11
N ALA A 147 37.73 62.64 -0.82
CA ALA A 147 36.73 63.60 -0.35
C ALA A 147 37.29 64.99 -0.29
N VAL A 148 36.42 65.96 -0.52
CA VAL A 148 36.80 67.35 -0.47
C VAL A 148 35.58 68.14 0.01
N SER A 149 35.84 69.16 0.81
CA SER A 149 34.75 69.98 1.33
C SER A 149 35.04 71.44 0.96
N ILE A 150 34.08 72.31 1.23
CA ILE A 150 34.28 73.72 0.93
C ILE A 150 35.32 74.32 1.86
N ASP A 151 36.36 74.87 1.25
CA ASP A 151 37.48 75.50 1.97
C ASP A 151 38.01 76.62 1.11
N ILE A 152 39.10 77.22 1.56
CA ILE A 152 39.72 78.32 0.82
C ILE A 152 40.53 77.76 -0.36
N ASP A 153 40.94 76.50 -0.26
CA ASP A 153 41.73 75.89 -1.32
C ASP A 153 41.17 74.58 -1.87
N THR A 154 39.86 74.51 -2.03
CA THR A 154 39.22 73.30 -2.55
C THR A 154 39.67 73.05 -3.99
N ILE A 155 39.58 74.08 -4.82
CA ILE A 155 39.99 73.98 -6.22
C ILE A 155 41.44 73.57 -6.29
N GLU A 156 42.26 74.12 -5.41
CA GLU A 156 43.68 73.80 -5.38
C GLU A 156 43.86 72.33 -5.00
N ARG A 157 43.06 71.86 -4.04
CA ARG A 157 43.13 70.48 -3.58
C ARG A 157 42.77 69.54 -4.72
N VAL A 158 41.65 69.82 -5.39
CA VAL A 158 41.17 69.01 -6.51
C VAL A 158 42.21 68.90 -7.61
N GLU A 159 42.85 70.01 -7.96
CA GLU A 159 43.86 70.02 -9.01
C GLU A 159 44.94 68.99 -8.74
N GLU A 160 45.46 69.00 -7.51
CA GLU A 160 46.50 68.06 -7.13
C GLU A 160 45.97 66.63 -7.13
N LEU A 161 44.73 66.45 -6.68
CA LEU A 161 44.11 65.12 -6.66
C LEU A 161 43.95 64.56 -8.06
N VAL A 162 43.56 65.42 -9.00
CA VAL A 162 43.37 65.03 -10.39
C VAL A 162 44.71 64.67 -11.03
N LYS A 163 45.78 65.30 -10.56
CA LYS A 163 47.10 65.01 -11.10
C LYS A 163 47.52 63.62 -10.64
N ALA A 164 47.02 63.23 -9.46
CA ALA A 164 47.31 61.92 -8.89
C ALA A 164 46.48 60.87 -9.58
N HIS A 165 45.61 61.33 -10.48
CA HIS A 165 44.73 60.46 -11.26
C HIS A 165 43.63 59.78 -10.45
N VAL A 166 42.97 60.55 -9.59
CA VAL A 166 41.88 60.04 -8.77
C VAL A 166 40.73 59.65 -9.70
N ASP A 167 40.04 58.55 -9.39
CA ASP A 167 38.96 58.09 -10.25
C ASP A 167 37.63 58.81 -10.07
N ILE A 168 37.36 59.24 -8.84
CA ILE A 168 36.10 59.89 -8.54
C ILE A 168 36.28 60.80 -7.34
N LEU A 169 35.49 61.88 -7.30
CA LEU A 169 35.58 62.85 -6.22
C LEU A 169 34.29 62.91 -5.44
N VAL A 170 34.42 63.11 -4.12
CA VAL A 170 33.28 63.23 -3.24
C VAL A 170 33.19 64.65 -2.68
N ILE A 171 32.15 65.38 -3.05
CA ILE A 171 31.95 66.72 -2.51
C ILE A 171 31.34 66.41 -1.15
N ASP A 172 32.16 66.47 -0.11
CA ASP A 172 31.77 66.14 1.25
C ASP A 172 31.15 67.26 2.07
N SER A 173 29.83 67.23 2.23
CA SER A 173 29.11 68.23 3.00
C SER A 173 28.02 67.59 3.87
N ALA A 174 27.76 68.19 5.03
CA ALA A 174 26.74 67.69 5.94
C ALA A 174 25.37 68.05 5.38
N HIS A 175 25.34 69.09 4.55
CA HIS A 175 24.11 69.56 3.94
C HIS A 175 24.38 69.90 2.47
N GLY A 176 24.30 68.87 1.63
CA GLY A 176 24.54 69.04 0.21
C GLY A 176 23.56 69.95 -0.51
N HIS A 177 22.34 70.07 0.00
CA HIS A 177 21.35 70.92 -0.62
C HIS A 177 21.52 72.39 -0.25
N SER A 178 22.64 72.98 -0.66
CA SER A 178 22.93 74.38 -0.37
C SER A 178 23.46 75.09 -1.62
N THR A 179 23.22 76.40 -1.72
CA THR A 179 23.67 77.16 -2.86
C THR A 179 25.19 77.13 -3.03
N ARG A 180 25.91 77.08 -1.92
CA ARG A 180 27.38 77.05 -1.98
C ARG A 180 27.86 75.72 -2.60
N ILE A 181 27.27 74.59 -2.21
CA ILE A 181 27.68 73.30 -2.76
C ILE A 181 27.27 73.20 -4.22
N ILE A 182 26.10 73.71 -4.56
CA ILE A 182 25.63 73.68 -5.94
C ILE A 182 26.61 74.45 -6.85
N GLU A 183 27.07 75.60 -6.38
CA GLU A 183 28.03 76.41 -7.15
C GLU A 183 29.38 75.72 -7.21
N LEU A 184 29.74 75.01 -6.15
CA LEU A 184 31.01 74.31 -6.11
C LEU A 184 31.05 73.20 -7.17
N ILE A 185 29.91 72.53 -7.37
CA ILE A 185 29.83 71.45 -8.34
C ILE A 185 29.98 72.03 -9.74
N LYS A 186 29.30 73.15 -9.99
CA LYS A 186 29.39 73.83 -11.28
C LYS A 186 30.84 74.14 -11.62
N LYS A 187 31.56 74.76 -10.68
CA LYS A 187 32.96 75.12 -10.89
C LYS A 187 33.83 73.92 -11.18
N ILE A 188 33.72 72.88 -10.34
CA ILE A 188 34.53 71.69 -10.52
C ILE A 188 34.24 70.99 -11.85
N LYS A 189 32.98 70.97 -12.25
CA LYS A 189 32.61 70.33 -13.51
C LYS A 189 33.00 71.11 -14.75
N THR A 190 33.31 72.40 -14.57
CA THR A 190 33.72 73.24 -15.69
C THR A 190 35.24 73.12 -15.83
N LYS A 191 35.93 73.02 -14.69
CA LYS A 191 37.38 72.90 -14.66
C LYS A 191 37.90 71.47 -14.87
N TYR A 192 37.04 70.49 -14.59
CA TYR A 192 37.40 69.08 -14.75
C TYR A 192 36.15 68.35 -15.23
N PRO A 193 35.82 68.49 -16.52
CA PRO A 193 34.65 67.87 -17.14
C PRO A 193 34.51 66.35 -17.08
N ASN A 194 35.62 65.63 -17.06
CA ASN A 194 35.53 64.16 -17.02
C ASN A 194 35.70 63.54 -15.63
N LEU A 195 35.74 64.37 -14.60
CA LEU A 195 35.89 63.88 -13.24
C LEU A 195 34.51 63.47 -12.70
N ASP A 196 34.32 62.19 -12.41
CA ASP A 196 33.05 61.73 -11.85
C ASP A 196 32.85 62.35 -10.47
N LEU A 197 31.63 62.83 -10.21
CA LEU A 197 31.31 63.43 -8.91
C LEU A 197 30.19 62.80 -8.11
N ILE A 198 30.60 62.52 -6.87
CA ILE A 198 29.46 62.14 -5.89
C ILE A 198 29.17 63.42 -5.10
N ALA A 199 27.94 63.91 -5.15
CA ALA A 199 27.59 65.16 -4.48
C ALA A 199 26.99 65.02 -3.08
N GLY A 200 27.48 65.89 -2.18
CA GLY A 200 27.08 65.99 -0.78
C GLY A 200 25.92 65.19 -0.25
N ASN A 201 25.80 65.11 1.07
CA ASN A 201 24.71 64.31 1.64
C ASN A 201 23.35 65.00 1.64
N ILE A 202 22.37 64.25 1.15
CA ILE A 202 20.99 64.72 1.02
C ILE A 202 20.02 63.63 1.49
N VAL A 203 18.77 64.03 1.73
CA VAL A 203 17.75 63.09 2.14
C VAL A 203 16.42 63.41 1.44
N THR A 204 16.44 64.36 0.51
CA THR A 204 15.21 64.75 -0.19
C THR A 204 15.25 64.71 -1.71
N LYS A 205 14.07 64.61 -2.30
CA LYS A 205 13.85 64.57 -3.74
C LYS A 205 14.25 65.89 -4.41
N GLU A 206 13.94 67.00 -3.74
CA GLU A 206 14.26 68.33 -4.28
C GLU A 206 15.77 68.53 -4.34
N ALA A 207 16.47 68.03 -3.32
CA ALA A 207 17.92 68.15 -3.27
C ALA A 207 18.53 67.33 -4.43
N ALA A 208 17.97 66.16 -4.67
CA ALA A 208 18.44 65.28 -5.73
C ALA A 208 18.33 65.96 -7.10
N LEU A 209 17.22 66.65 -7.33
CA LEU A 209 17.00 67.34 -8.60
C LEU A 209 17.98 68.48 -8.82
N ASP A 210 18.27 69.24 -7.77
CA ASP A 210 19.19 70.36 -7.83
C ASP A 210 20.63 69.95 -8.08
N LEU A 211 21.09 68.92 -7.36
CA LEU A 211 22.44 68.45 -7.51
C LEU A 211 22.64 67.78 -8.86
N ILE A 212 21.64 67.04 -9.30
CA ILE A 212 21.68 66.37 -10.60
C ILE A 212 21.78 67.45 -11.70
N SER A 213 21.00 68.51 -11.53
CA SER A 213 20.96 69.61 -12.48
C SER A 213 22.29 70.30 -12.76
N VAL A 214 23.25 70.15 -11.86
CA VAL A 214 24.55 70.78 -12.07
C VAL A 214 25.66 69.77 -12.31
N GLY A 215 25.26 68.57 -12.76
CA GLY A 215 26.25 67.56 -13.08
C GLY A 215 26.69 66.50 -12.06
N ALA A 216 25.95 66.32 -10.98
CA ALA A 216 26.33 65.30 -10.01
C ALA A 216 26.12 63.94 -10.69
N ASP A 217 27.13 63.08 -10.62
CA ASP A 217 27.07 61.77 -11.25
C ASP A 217 26.52 60.70 -10.31
N CYS A 218 26.58 60.99 -9.02
CA CYS A 218 26.09 60.07 -8.01
C CYS A 218 25.66 60.89 -6.80
N LEU A 219 24.62 60.43 -6.12
CA LEU A 219 24.12 61.13 -4.94
C LEU A 219 24.35 60.32 -3.67
N LYS A 220 24.97 60.95 -2.67
CA LYS A 220 25.19 60.23 -1.43
C LYS A 220 24.08 60.63 -0.46
N VAL A 221 23.28 59.64 -0.06
CA VAL A 221 22.15 59.83 0.83
C VAL A 221 22.49 59.52 2.28
N GLY A 222 22.10 60.42 3.20
CA GLY A 222 22.39 60.19 4.61
C GLY A 222 22.53 61.41 5.50
N ILE A 223 21.48 61.74 6.25
CA ILE A 223 21.50 62.88 7.18
C ILE A 223 20.58 62.59 8.39
N GLY A 224 21.21 62.49 9.56
CA GLY A 224 20.49 62.29 10.85
C GLY A 224 19.56 61.05 10.77
N PRO A 225 20.08 59.94 10.25
CA PRO A 225 19.33 58.68 10.13
C PRO A 225 18.91 58.11 11.48
N GLY A 226 19.73 58.34 12.52
CA GLY A 226 19.43 57.82 13.90
C GLY A 226 19.31 58.89 14.97
N SER A 227 18.52 58.61 16.00
CA SER A 227 18.32 59.55 17.09
C SER A 227 19.61 59.87 17.84
N ILE A 228 20.56 58.94 17.84
CA ILE A 228 21.82 59.15 18.52
C ILE A 228 22.80 59.96 17.66
N CYS A 229 22.44 60.14 16.39
CA CYS A 229 23.30 60.91 15.48
C CYS A 229 23.33 62.39 15.83
N THR A 230 24.50 62.99 15.64
CA THR A 230 25.02 64.23 16.08
C THR A 230 24.14 65.32 15.47
N THR A 231 23.71 65.13 14.21
CA THR A 231 22.86 66.11 13.55
C THR A 231 21.46 66.15 14.17
N ARG A 232 20.95 64.97 14.53
CA ARG A 232 19.63 64.84 15.15
C ARG A 232 19.65 65.48 16.54
N ILE A 233 20.71 65.19 17.29
CA ILE A 233 20.90 65.69 18.65
C ILE A 233 21.20 67.19 18.71
N VAL A 234 22.19 67.61 17.94
CA VAL A 234 22.62 69.01 17.91
C VAL A 234 21.70 69.95 17.15
N ALA A 235 21.28 69.55 15.96
CA ALA A 235 20.43 70.41 15.13
C ALA A 235 18.96 69.99 15.06
N GLY A 236 18.64 68.84 15.65
CA GLY A 236 17.27 68.35 15.61
C GLY A 236 16.85 68.08 14.18
N VAL A 237 17.83 67.82 13.32
CA VAL A 237 17.59 67.58 11.89
C VAL A 237 17.90 66.16 11.43
N GLY A 238 17.18 65.69 10.41
CA GLY A 238 17.45 64.35 9.90
C GLY A 238 16.25 63.52 9.46
N VAL A 239 16.49 62.57 8.56
CA VAL A 239 15.43 61.70 8.05
C VAL A 239 15.90 60.25 8.03
N PRO A 240 15.12 59.33 8.64
CA PRO A 240 15.45 57.90 8.67
C PRO A 240 15.92 57.43 7.28
N GLN A 241 16.97 56.63 7.25
CA GLN A 241 17.60 56.16 6.02
C GLN A 241 16.75 55.47 4.95
N ILE A 242 15.86 54.56 5.34
CA ILE A 242 15.05 53.88 4.33
C ILE A 242 14.17 54.86 3.58
N THR A 243 13.52 55.77 4.31
CA THR A 243 12.68 56.78 3.69
C THR A 243 13.56 57.72 2.85
N ALA A 244 14.71 58.07 3.38
CA ALA A 244 15.65 58.95 2.67
C ALA A 244 16.01 58.33 1.31
N ILE A 245 16.46 57.07 1.34
CA ILE A 245 16.84 56.37 0.11
C ILE A 245 15.65 56.27 -0.84
N CYS A 246 14.53 55.77 -0.33
CA CYS A 246 13.32 55.60 -1.15
C CYS A 246 12.92 56.91 -1.79
N ASP A 247 13.03 57.99 -1.03
CA ASP A 247 12.66 59.31 -1.52
C ASP A 247 13.52 59.80 -2.69
N VAL A 248 14.84 59.80 -2.55
CA VAL A 248 15.65 60.26 -3.69
C VAL A 248 15.57 59.24 -4.82
N TYR A 249 15.49 57.96 -4.46
CA TYR A 249 15.40 56.93 -5.49
C TYR A 249 14.13 57.11 -6.31
N GLU A 250 13.01 57.37 -5.63
CA GLU A 250 11.74 57.56 -6.31
C GLU A 250 11.74 58.86 -7.11
N ALA A 251 12.92 59.46 -7.23
CA ALA A 251 13.07 60.69 -7.99
C ALA A 251 14.07 60.46 -9.11
N CYS A 252 15.17 59.79 -8.77
CA CYS A 252 16.22 59.49 -9.74
C CYS A 252 15.94 58.20 -10.49
N ASN A 253 14.73 57.68 -10.34
CA ASN A 253 14.35 56.47 -11.04
C ASN A 253 14.23 56.87 -12.51
N ASN A 254 14.62 55.96 -13.40
CA ASN A 254 14.54 56.20 -14.83
C ASN A 254 15.70 57.08 -15.32
N THR A 255 16.59 57.49 -14.41
CA THR A 255 17.73 58.31 -14.80
C THR A 255 18.99 57.46 -14.66
N ASN A 256 20.11 57.96 -15.15
CA ASN A 256 21.38 57.22 -15.07
C ASN A 256 22.22 57.70 -13.90
N ILE A 257 21.58 58.28 -12.88
CA ILE A 257 22.28 58.77 -11.71
C ILE A 257 22.18 57.72 -10.61
N CYS A 258 23.32 57.35 -10.04
CA CYS A 258 23.35 56.33 -9.00
C CYS A 258 23.17 56.89 -7.60
N ILE A 259 22.99 56.00 -6.64
CA ILE A 259 22.76 56.36 -5.26
C ILE A 259 23.63 55.58 -4.30
N ILE A 260 24.30 56.30 -3.40
CA ILE A 260 25.13 55.66 -2.38
C ILE A 260 24.37 55.84 -1.06
N ALA A 261 24.19 54.74 -0.30
CA ALA A 261 23.52 54.83 1.00
C ALA A 261 24.63 54.95 2.02
N ASP A 262 24.77 56.14 2.59
CA ASP A 262 25.84 56.43 3.54
C ASP A 262 25.45 56.53 5.01
N GLY A 263 26.03 55.64 5.82
CA GLY A 263 25.79 55.67 7.24
C GLY A 263 24.74 54.82 7.91
N GLY A 264 25.05 54.38 9.14
CA GLY A 264 24.11 53.58 9.90
C GLY A 264 24.15 52.08 9.65
N ILE A 265 25.08 51.61 8.84
CA ILE A 265 25.16 50.18 8.57
C ILE A 265 25.78 49.48 9.78
N ARG A 266 24.97 48.69 10.48
CA ARG A 266 25.43 47.95 11.66
C ARG A 266 25.59 46.47 11.31
N PHE A 267 24.69 45.96 10.48
CA PHE A 267 24.68 44.54 10.07
C PHE A 267 24.54 44.37 8.58
N SER A 268 24.87 43.18 8.10
CA SER A 268 24.77 42.88 6.67
C SER A 268 23.33 43.05 6.21
N GLY A 269 22.38 42.81 7.11
CA GLY A 269 20.98 42.98 6.77
C GLY A 269 20.64 44.41 6.42
N ASP A 270 21.38 45.36 7.00
CA ASP A 270 21.12 46.77 6.71
C ASP A 270 21.50 47.05 5.24
N VAL A 271 22.55 46.39 4.77
CA VAL A 271 23.01 46.58 3.40
C VAL A 271 21.92 46.11 2.45
N VAL A 272 21.35 44.94 2.75
CA VAL A 272 20.29 44.37 1.93
C VAL A 272 19.11 45.33 1.83
N LYS A 273 18.66 45.84 2.97
CA LYS A 273 17.54 46.77 3.02
C LYS A 273 17.84 48.09 2.28
N ALA A 274 19.07 48.59 2.45
CA ALA A 274 19.48 49.83 1.82
C ALA A 274 19.38 49.72 0.31
N ILE A 275 19.84 48.59 -0.24
CA ILE A 275 19.79 48.40 -1.67
C ILE A 275 18.37 48.16 -2.14
N ALA A 276 17.61 47.38 -1.38
CA ALA A 276 16.23 47.10 -1.74
C ALA A 276 15.46 48.41 -1.78
N ALA A 277 15.84 49.34 -0.91
CA ALA A 277 15.18 50.66 -0.87
C ALA A 277 15.52 51.50 -2.11
N GLY A 278 16.63 51.18 -2.78
CA GLY A 278 17.00 51.92 -3.97
C GLY A 278 18.46 52.31 -4.15
N ALA A 279 19.31 52.04 -3.16
CA ALA A 279 20.73 52.36 -3.26
C ALA A 279 21.45 51.41 -4.22
N ASP A 280 22.49 51.91 -4.88
CA ASP A 280 23.28 51.12 -5.82
C ASP A 280 24.48 50.58 -5.06
N SER A 281 24.87 51.32 -4.03
CA SER A 281 25.99 50.94 -3.20
C SER A 281 25.77 51.49 -1.80
N VAL A 282 26.63 51.11 -0.87
CA VAL A 282 26.47 51.54 0.50
C VAL A 282 27.82 51.99 1.03
N MET A 283 27.85 53.11 1.76
CA MET A 283 29.11 53.59 2.33
C MET A 283 29.18 53.17 3.80
N ILE A 284 30.29 52.56 4.17
CA ILE A 284 30.46 52.06 5.52
C ILE A 284 31.67 52.67 6.22
N GLY A 285 31.49 53.06 7.47
CA GLY A 285 32.58 53.65 8.23
C GLY A 285 32.88 52.86 9.50
N ASN A 286 31.99 52.99 10.47
CA ASN A 286 32.12 52.33 11.77
C ASN A 286 32.58 50.87 11.71
N LEU A 287 31.85 50.04 10.98
CA LEU A 287 32.18 48.61 10.87
C LEU A 287 33.59 48.33 10.36
N PHE A 288 34.24 49.34 9.77
CA PHE A 288 35.59 49.15 9.24
C PHE A 288 36.66 49.76 10.13
N ALA A 289 36.24 50.64 11.03
CA ALA A 289 37.15 51.33 11.93
C ALA A 289 38.05 50.41 12.77
N GLY A 290 37.58 49.20 13.04
CA GLY A 290 38.38 48.28 13.83
C GLY A 290 39.26 47.33 13.02
N THR A 291 39.20 47.42 11.70
CA THR A 291 40.01 46.55 10.84
C THR A 291 41.48 46.92 10.84
N LYS A 292 42.31 45.96 10.45
CA LYS A 292 43.74 46.17 10.38
C LYS A 292 44.11 47.36 9.48
N GLU A 293 43.50 47.42 8.30
CA GLU A 293 43.80 48.47 7.32
C GLU A 293 43.39 49.90 7.66
N SER A 294 42.54 50.09 8.66
CA SER A 294 42.12 51.44 9.02
C SER A 294 43.37 52.20 9.49
N PRO A 295 43.40 53.52 9.27
CA PRO A 295 44.52 54.40 9.63
C PRO A 295 45.00 54.28 11.07
N SER A 296 44.16 53.68 11.92
CA SER A 296 44.48 53.52 13.34
C SER A 296 45.71 52.66 13.57
N GLU A 297 46.19 52.65 14.81
CA GLU A 297 47.35 51.85 15.19
C GLU A 297 46.87 50.68 16.05
N GLU A 298 47.48 49.52 15.87
CA GLU A 298 47.10 48.33 16.62
C GLU A 298 47.62 48.38 18.05
N ILE A 299 46.74 48.11 19.01
CA ILE A 299 47.10 48.13 20.42
C ILE A 299 46.67 46.84 21.10
N ILE A 300 47.55 46.28 21.92
CA ILE A 300 47.25 45.05 22.65
C ILE A 300 46.97 45.40 24.11
N TYR A 301 45.70 45.33 24.51
CA TYR A 301 45.32 45.64 25.88
C TYR A 301 45.04 44.34 26.65
N ASN A 302 45.89 44.05 27.62
CA ASN A 302 45.79 42.86 28.45
C ASN A 302 45.27 41.62 27.72
N GLY A 303 46.03 41.14 26.74
CA GLY A 303 45.63 39.96 26.01
C GLY A 303 44.65 40.19 24.87
N LYS A 304 43.96 41.33 24.91
CA LYS A 304 42.99 41.67 23.87
C LYS A 304 43.63 42.63 22.88
N LYS A 305 43.03 42.76 21.69
CA LYS A 305 43.58 43.65 20.68
C LYS A 305 42.61 44.78 20.30
N PHE A 306 43.18 45.96 20.01
CA PHE A 306 42.37 47.12 19.65
C PHE A 306 43.02 48.02 18.59
N LYS A 307 42.26 49.03 18.18
CA LYS A 307 42.73 50.02 17.22
C LYS A 307 42.59 51.37 17.92
N SER A 308 43.65 52.16 17.93
CA SER A 308 43.63 53.47 18.57
C SER A 308 44.44 54.49 17.79
N MET A 345 39.35 53.85 21.57
CA MET A 345 39.90 52.48 21.28
C MET A 345 38.77 51.51 20.91
N VAL A 346 38.79 51.03 19.68
CA VAL A 346 37.78 50.10 19.19
C VAL A 346 38.36 48.69 19.04
N PRO A 347 37.59 47.66 19.41
CA PRO A 347 38.06 46.27 19.31
C PRO A 347 38.50 45.86 17.91
N TYR A 348 39.60 45.12 17.86
CA TYR A 348 40.17 44.65 16.60
C TYR A 348 39.19 43.77 15.82
N SER A 349 39.11 43.99 14.51
CA SER A 349 38.21 43.23 13.65
C SER A 349 38.94 42.30 12.71
N GLY A 350 40.24 42.51 12.54
CA GLY A 350 41.02 41.68 11.64
C GLY A 350 41.08 42.33 10.27
N LYS A 351 41.58 41.59 9.28
CA LYS A 351 41.68 42.09 7.92
C LYS A 351 40.31 42.52 7.41
N LEU A 352 40.26 43.65 6.73
CA LEU A 352 39.02 44.17 6.16
C LEU A 352 38.34 43.03 5.41
N LYS A 353 39.15 42.32 4.64
CA LYS A 353 38.70 41.19 3.83
C LYS A 353 37.75 40.26 4.58
N ASP A 354 38.01 40.03 5.86
CA ASP A 354 37.16 39.14 6.65
C ASP A 354 35.79 39.76 6.93
N ILE A 355 35.76 41.05 7.23
CA ILE A 355 34.50 41.72 7.48
C ILE A 355 33.71 41.78 6.18
N LEU A 356 34.40 42.06 5.07
CA LEU A 356 33.75 42.12 3.77
C LEU A 356 33.12 40.79 3.39
N THR A 357 33.82 39.70 3.66
CA THR A 357 33.31 38.37 3.34
C THR A 357 32.00 38.14 4.11
N GLN A 358 31.98 38.59 5.35
CA GLN A 358 30.79 38.46 6.19
C GLN A 358 29.65 39.29 5.59
N LEU A 359 29.96 40.52 5.17
CA LEU A 359 28.96 41.42 4.60
C LEU A 359 28.45 40.98 3.22
N LYS A 360 29.33 40.49 2.35
CA LYS A 360 28.84 40.06 1.05
C LYS A 360 28.05 38.77 1.19
N GLY A 361 28.43 37.94 2.16
CA GLY A 361 27.70 36.70 2.40
C GLY A 361 26.26 37.00 2.77
N GLY A 362 26.08 37.92 3.71
CA GLY A 362 24.73 38.29 4.14
C GLY A 362 23.93 38.89 3.00
N LEU A 363 24.59 39.66 2.14
CA LEU A 363 23.94 40.31 1.01
C LEU A 363 23.45 39.23 0.04
N MET A 364 24.32 38.26 -0.22
CA MET A 364 23.99 37.16 -1.11
C MET A 364 22.84 36.34 -0.55
N SER A 365 22.86 36.10 0.76
CA SER A 365 21.79 35.35 1.40
C SER A 365 20.48 36.09 1.20
N GLY A 366 20.51 37.40 1.45
CA GLY A 366 19.33 38.24 1.28
C GLY A 366 18.81 38.22 -0.15
N MET A 367 19.72 38.27 -1.12
CA MET A 367 19.31 38.22 -2.52
C MET A 367 18.72 36.85 -2.84
N GLY A 368 19.26 35.81 -2.23
CA GLY A 368 18.72 34.47 -2.43
C GLY A 368 17.27 34.44 -1.95
N TYR A 369 17.00 35.05 -0.79
CA TYR A 369 15.65 35.12 -0.22
C TYR A 369 14.66 35.89 -1.10
N LEU A 370 15.17 36.83 -1.89
CA LEU A 370 14.29 37.61 -2.75
C LEU A 370 14.31 37.22 -4.21
N GLY A 371 15.06 36.18 -4.54
CA GLY A 371 15.15 35.74 -5.92
C GLY A 371 15.74 36.82 -6.81
N ALA A 372 16.80 37.47 -6.33
CA ALA A 372 17.48 38.49 -7.11
C ALA A 372 18.84 37.95 -7.52
N ALA A 373 19.12 37.93 -8.81
CA ALA A 373 20.39 37.45 -9.31
C ALA A 373 21.39 38.61 -9.37
N THR A 374 20.88 39.82 -9.50
CA THR A 374 21.71 41.01 -9.58
C THR A 374 21.25 42.09 -8.62
N ILE A 375 22.11 43.09 -8.43
CA ILE A 375 21.82 44.21 -7.54
C ILE A 375 20.56 44.91 -8.05
N SER A 376 20.47 45.03 -9.37
CA SER A 376 19.34 45.67 -10.01
C SER A 376 18.00 44.99 -9.67
N ASP A 377 18.02 43.66 -9.55
CA ASP A 377 16.80 42.92 -9.23
C ASP A 377 16.42 43.15 -7.78
N LEU A 378 17.42 43.26 -6.92
CA LEU A 378 17.16 43.48 -5.52
C LEU A 378 16.41 44.81 -5.34
N LYS A 379 16.80 45.82 -6.13
CA LYS A 379 16.19 47.14 -6.05
C LYS A 379 14.77 47.25 -6.60
N ILE A 380 14.46 46.47 -7.63
CA ILE A 380 13.13 46.56 -8.22
C ILE A 380 12.13 45.53 -7.75
N ASN A 381 12.58 44.30 -7.59
CA ASN A 381 11.67 43.24 -7.15
C ASN A 381 11.91 42.95 -5.68
N SER A 382 11.45 43.88 -4.86
CA SER A 382 11.62 43.78 -3.42
C SER A 382 10.54 44.57 -2.69
N LYS A 383 10.05 44.01 -1.59
CA LYS A 383 9.04 44.65 -0.80
C LYS A 383 9.28 44.45 0.68
N PHE A 384 8.91 45.45 1.48
CA PHE A 384 9.08 45.37 2.92
C PHE A 384 7.74 45.34 3.64
N VAL A 385 7.78 44.91 4.89
CA VAL A 385 6.62 44.95 5.77
C VAL A 385 7.13 45.90 6.85
N LYS A 386 6.24 46.67 7.46
CA LYS A 386 6.63 47.60 8.52
C LYS A 386 6.64 46.85 9.84
N ILE A 387 7.71 47.03 10.59
CA ILE A 387 7.84 46.35 11.88
C ILE A 387 7.33 47.20 13.02
N SER A 388 6.23 46.74 13.62
CA SER A 388 5.63 47.44 14.76
C SER A 388 6.48 47.14 15.99
N HIS A 389 7.76 46.85 15.74
CA HIS A 389 8.69 46.55 16.82
C HIS A 389 8.19 45.37 17.65
N SER A 390 8.59 45.33 18.92
CA SER A 390 8.19 44.25 19.82
C SER A 390 8.71 42.89 19.35
N ASN B 3 -11.58 -33.29 17.54
CA ASN B 3 -11.68 -32.52 16.27
C ASN B 3 -13.08 -32.63 15.68
N LYS B 4 -13.78 -31.50 15.58
CA LYS B 4 -15.12 -31.46 15.01
C LYS B 4 -15.12 -32.06 13.60
N ILE B 5 -14.07 -31.78 12.84
CA ILE B 5 -13.92 -32.28 11.48
C ILE B 5 -12.94 -33.45 11.56
N THR B 6 -13.50 -34.65 11.77
CA THR B 6 -12.69 -35.86 11.92
C THR B 6 -12.48 -36.73 10.69
N LYS B 7 -12.84 -36.27 9.51
CA LYS B 7 -12.66 -37.13 8.33
C LYS B 7 -12.92 -36.46 6.99
N GLU B 8 -12.45 -37.10 5.94
CA GLU B 8 -12.63 -36.68 4.57
C GLU B 8 -13.32 -37.91 3.94
N ALA B 9 -14.64 -37.94 4.02
CA ALA B 9 -15.43 -39.05 3.50
C ALA B 9 -15.43 -39.13 1.99
N LEU B 10 -15.55 -40.37 1.47
CA LEU B 10 -15.53 -40.62 0.03
C LEU B 10 -16.80 -41.25 -0.56
N THR B 11 -17.20 -40.76 -1.72
CA THR B 11 -18.36 -41.28 -2.42
C THR B 11 -17.88 -42.23 -3.53
N PHE B 12 -18.82 -42.79 -4.29
CA PHE B 12 -18.48 -43.69 -5.38
C PHE B 12 -17.61 -42.98 -6.43
N ASP B 13 -17.96 -41.73 -6.73
CA ASP B 13 -17.23 -40.97 -7.73
C ASP B 13 -15.89 -40.41 -7.29
N ASP B 14 -15.65 -40.35 -5.98
CA ASP B 14 -14.37 -39.84 -5.48
C ASP B 14 -13.30 -40.90 -5.52
N VAL B 15 -13.63 -42.06 -6.07
CA VAL B 15 -12.68 -43.17 -6.05
C VAL B 15 -12.68 -44.04 -7.31
N SER B 16 -11.56 -44.72 -7.55
CA SER B 16 -11.43 -45.62 -8.71
C SER B 16 -10.52 -46.79 -8.36
N LEU B 17 -10.85 -47.98 -8.87
CA LEU B 17 -10.08 -49.19 -8.60
C LEU B 17 -8.85 -49.41 -9.48
N ILE B 18 -7.76 -49.85 -8.85
CA ILE B 18 -6.50 -50.10 -9.55
C ILE B 18 -6.40 -51.53 -10.05
N PRO B 19 -6.18 -51.72 -11.36
CA PRO B 19 -6.06 -53.06 -11.94
C PRO B 19 -4.95 -53.89 -11.28
N ARG B 20 -5.17 -55.19 -11.19
CA ARG B 20 -4.16 -56.07 -10.60
C ARG B 20 -3.90 -57.21 -11.57
N LYS B 21 -2.78 -57.90 -11.40
CA LYS B 21 -2.45 -59.02 -12.25
C LYS B 21 -3.60 -60.02 -12.14
N SER B 22 -4.15 -60.46 -13.27
CA SER B 22 -5.27 -61.39 -13.24
C SER B 22 -5.00 -62.70 -13.98
N SER B 23 -5.56 -63.78 -13.43
CA SER B 23 -5.44 -65.13 -13.99
C SER B 23 -6.84 -65.67 -14.23
N VAL B 24 -7.82 -64.78 -14.23
CA VAL B 24 -9.20 -65.20 -14.42
C VAL B 24 -9.97 -64.33 -15.40
N LEU B 25 -10.74 -64.98 -16.28
CA LEU B 25 -11.56 -64.27 -17.25
C LEU B 25 -12.82 -63.89 -16.48
N PRO B 26 -13.51 -62.83 -16.92
CA PRO B 26 -14.73 -62.46 -16.19
C PRO B 26 -15.82 -63.52 -16.30
N SER B 27 -15.72 -64.35 -17.32
CA SER B 27 -16.71 -65.41 -17.53
C SER B 27 -16.42 -66.62 -16.65
N GLU B 28 -15.29 -66.57 -15.93
CA GLU B 28 -14.88 -67.64 -15.02
C GLU B 28 -15.07 -67.23 -13.56
N VAL B 29 -15.50 -65.99 -13.36
CA VAL B 29 -15.70 -65.44 -12.03
C VAL B 29 -16.97 -65.89 -11.32
N SER B 30 -16.91 -66.01 -10.00
CA SER B 30 -18.09 -66.41 -9.23
C SER B 30 -18.78 -65.21 -8.61
N LEU B 31 -20.09 -65.13 -8.79
CA LEU B 31 -20.88 -64.03 -8.26
C LEU B 31 -21.62 -64.37 -6.96
N LYS B 32 -21.43 -65.58 -6.44
CA LYS B 32 -22.09 -65.99 -5.21
C LYS B 32 -21.57 -65.20 -4.01
N THR B 33 -22.45 -64.92 -3.07
CA THR B 33 -22.02 -64.16 -1.92
C THR B 33 -22.75 -64.56 -0.65
N GLN B 34 -22.35 -63.96 0.46
CA GLN B 34 -22.92 -64.26 1.76
C GLN B 34 -23.88 -63.18 2.25
N LEU B 35 -25.15 -63.54 2.43
CA LEU B 35 -26.14 -62.59 2.95
C LEU B 35 -25.98 -62.60 4.48
N THR B 36 -25.82 -63.80 5.03
CA THR B 36 -25.60 -64.03 6.46
C THR B 36 -24.76 -65.32 6.53
N LYS B 37 -24.28 -65.66 7.73
CA LYS B 37 -23.48 -66.88 7.92
C LYS B 37 -24.21 -68.13 7.43
N ASN B 38 -25.54 -68.10 7.49
CA ASN B 38 -26.37 -69.23 7.10
C ASN B 38 -27.05 -69.07 5.75
N ILE B 39 -27.02 -67.87 5.19
CA ILE B 39 -27.66 -67.65 3.91
C ILE B 39 -26.75 -66.98 2.89
N SER B 40 -26.65 -67.61 1.73
CA SER B 40 -25.85 -67.09 0.65
C SER B 40 -26.79 -66.71 -0.49
N LEU B 41 -26.27 -65.98 -1.46
CA LEU B 41 -27.07 -65.59 -2.62
C LEU B 41 -26.20 -65.97 -3.82
N ASN B 42 -26.82 -66.24 -4.96
CA ASN B 42 -26.02 -66.60 -6.15
C ASN B 42 -25.50 -65.37 -6.91
N ILE B 43 -26.12 -64.22 -6.69
CA ILE B 43 -25.68 -62.94 -7.24
C ILE B 43 -25.87 -61.95 -6.08
N PRO B 44 -24.89 -61.07 -5.83
CA PRO B 44 -24.92 -60.08 -4.74
C PRO B 44 -25.91 -58.92 -4.85
N PHE B 45 -27.18 -59.23 -5.14
CA PHE B 45 -28.18 -58.16 -5.27
C PHE B 45 -29.46 -58.37 -4.48
N LEU B 46 -29.90 -57.31 -3.79
CA LEU B 46 -31.16 -57.34 -3.06
C LEU B 46 -32.03 -56.23 -3.66
N SER B 47 -33.31 -56.51 -3.87
CA SER B 47 -34.22 -55.49 -4.38
C SER B 47 -34.73 -54.75 -3.13
N SER B 48 -34.64 -53.43 -3.17
CA SER B 48 -35.00 -52.55 -2.06
C SER B 48 -36.41 -52.63 -1.48
N ALA B 49 -36.50 -52.56 -0.15
CA ALA B 49 -37.78 -52.60 0.56
C ALA B 49 -38.56 -51.29 0.44
N MET B 50 -38.90 -50.92 -0.78
CA MET B 50 -39.65 -49.71 -1.06
C MET B 50 -40.94 -50.15 -1.74
N ASP B 51 -42.04 -49.46 -1.44
CA ASP B 51 -43.34 -49.80 -2.03
C ASP B 51 -43.37 -49.56 -3.53
N THR B 52 -42.30 -49.00 -4.07
CA THR B 52 -42.23 -48.75 -5.50
C THR B 52 -41.38 -49.78 -6.24
N VAL B 53 -40.66 -50.63 -5.51
CA VAL B 53 -39.84 -51.62 -6.19
C VAL B 53 -40.12 -53.10 -5.90
N THR B 54 -40.28 -53.50 -4.64
CA THR B 54 -40.51 -54.93 -4.42
C THR B 54 -41.69 -55.48 -3.61
N GLU B 55 -42.47 -56.31 -4.30
CA GLU B 55 -43.62 -57.02 -3.77
C GLU B 55 -43.41 -58.42 -4.34
N SER B 56 -44.35 -59.35 -4.16
CA SER B 56 -44.17 -60.72 -4.65
C SER B 56 -43.60 -60.89 -6.07
N GLN B 57 -44.01 -60.05 -7.01
CA GLN B 57 -43.52 -60.16 -8.39
C GLN B 57 -42.00 -59.92 -8.50
N MET B 58 -41.52 -58.84 -7.89
CA MET B 58 -40.11 -58.49 -7.90
C MET B 58 -39.29 -59.51 -7.09
N ALA B 59 -39.84 -59.93 -5.96
CA ALA B 59 -39.17 -60.89 -5.10
C ALA B 59 -38.96 -62.22 -5.82
N ILE B 60 -39.94 -62.62 -6.61
CA ILE B 60 -39.88 -63.87 -7.36
C ILE B 60 -38.84 -63.75 -8.49
N ALA B 61 -38.92 -62.64 -9.23
CA ALA B 61 -38.01 -62.38 -10.33
C ALA B 61 -36.55 -62.40 -9.92
N ILE B 62 -36.20 -61.62 -8.91
CA ILE B 62 -34.81 -61.56 -8.47
C ILE B 62 -34.31 -62.85 -7.83
N ALA B 63 -35.18 -63.54 -7.10
CA ALA B 63 -34.80 -64.80 -6.47
C ALA B 63 -34.49 -65.85 -7.55
N LYS B 64 -35.26 -65.83 -8.63
CA LYS B 64 -35.05 -66.76 -9.73
C LYS B 64 -33.70 -66.48 -10.38
N GLU B 65 -33.26 -65.23 -10.29
CA GLU B 65 -31.97 -64.82 -10.86
C GLU B 65 -30.83 -65.07 -9.87
N GLY B 66 -31.18 -65.38 -8.62
CA GLY B 66 -30.16 -65.68 -7.63
C GLY B 66 -29.99 -64.72 -6.48
N GLY B 67 -30.70 -63.60 -6.52
CA GLY B 67 -30.59 -62.63 -5.44
C GLY B 67 -31.75 -62.82 -4.47
N ILE B 68 -32.23 -61.74 -3.90
CA ILE B 68 -33.35 -61.83 -2.97
C ILE B 68 -34.08 -60.51 -2.87
N GLY B 69 -35.40 -60.59 -2.68
CA GLY B 69 -36.21 -59.39 -2.56
C GLY B 69 -36.70 -59.17 -1.15
N ILE B 70 -36.77 -57.91 -0.72
CA ILE B 70 -37.27 -57.59 0.60
C ILE B 70 -38.63 -56.91 0.43
N ILE B 71 -39.70 -57.61 0.81
CA ILE B 71 -41.06 -57.06 0.70
C ILE B 71 -41.19 -55.88 1.67
N HIS B 72 -41.63 -54.73 1.16
CA HIS B 72 -41.77 -53.55 2.02
C HIS B 72 -42.84 -53.69 3.11
N LYS B 73 -42.81 -52.77 4.06
CA LYS B 73 -43.73 -52.78 5.20
C LYS B 73 -45.00 -51.94 5.05
N ASN B 74 -45.09 -51.16 3.98
CA ASN B 74 -46.26 -50.30 3.76
C ASN B 74 -47.49 -51.08 3.34
N MET B 75 -47.91 -52.01 4.18
CA MET B 75 -49.08 -52.83 3.93
C MET B 75 -49.49 -53.57 5.20
N SER B 76 -50.76 -53.97 5.25
CA SER B 76 -51.28 -54.69 6.41
C SER B 76 -50.47 -55.96 6.65
N ILE B 77 -50.45 -56.43 7.88
CA ILE B 77 -49.72 -57.64 8.24
C ILE B 77 -50.22 -58.83 7.41
N GLU B 78 -51.52 -58.84 7.14
CA GLU B 78 -52.14 -59.91 6.36
C GLU B 78 -51.57 -59.91 4.95
N ALA B 79 -51.52 -58.73 4.34
CA ALA B 79 -51.01 -58.57 2.99
C ALA B 79 -49.55 -58.98 2.86
N GLN B 80 -48.72 -58.49 3.79
CA GLN B 80 -47.30 -58.80 3.78
C GLN B 80 -47.09 -60.29 4.02
N ARG B 81 -48.02 -60.90 4.74
CA ARG B 81 -47.94 -62.34 5.04
C ARG B 81 -48.22 -63.15 3.78
N LYS B 82 -49.18 -62.67 2.99
CA LYS B 82 -49.58 -63.35 1.76
C LYS B 82 -48.49 -63.19 0.68
N GLU B 83 -47.88 -62.01 0.63
CA GLU B 83 -46.83 -61.74 -0.34
C GLU B 83 -45.70 -62.74 -0.18
N ILE B 84 -45.30 -62.98 1.06
CA ILE B 84 -44.23 -63.94 1.33
C ILE B 84 -44.63 -65.31 0.79
N GLU B 85 -45.85 -65.73 1.11
CA GLU B 85 -46.36 -67.02 0.67
C GLU B 85 -46.38 -67.14 -0.86
N LYS B 86 -46.73 -66.05 -1.54
CA LYS B 86 -46.76 -66.06 -3.00
C LYS B 86 -45.41 -66.44 -3.58
N VAL B 87 -44.33 -66.13 -2.86
CA VAL B 87 -42.99 -66.45 -3.34
C VAL B 87 -42.54 -67.82 -2.85
N LYS B 88 -42.85 -68.12 -1.59
CA LYS B 88 -42.46 -69.39 -1.01
C LYS B 88 -43.21 -70.58 -1.60
N THR B 89 -44.24 -70.31 -2.40
CA THR B 89 -45.02 -71.39 -3.00
C THR B 89 -45.12 -71.26 -4.51
N TYR B 90 -44.21 -70.51 -5.11
CA TYR B 90 -44.19 -70.31 -6.55
C TYR B 90 -44.01 -71.64 -7.28
N ASP B 130 -33.36 -73.08 -17.79
CA ASP B 130 -34.48 -72.38 -17.10
C ASP B 130 -33.95 -71.23 -16.25
N PHE B 131 -33.69 -71.51 -14.97
CA PHE B 131 -33.16 -70.52 -14.04
C PHE B 131 -32.13 -71.21 -13.16
N PRO B 132 -30.96 -71.52 -13.72
CA PRO B 132 -29.84 -72.19 -13.04
C PRO B 132 -29.30 -71.47 -11.82
N ASN B 133 -29.63 -70.19 -11.66
CA ASN B 133 -29.13 -69.42 -10.53
C ASN B 133 -30.14 -69.22 -9.41
N ALA B 134 -31.38 -69.67 -9.62
CA ALA B 134 -32.43 -69.52 -8.61
C ALA B 134 -31.90 -69.72 -7.20
N CYS B 135 -32.28 -68.83 -6.28
CA CYS B 135 -31.84 -68.96 -4.90
C CYS B 135 -33.00 -69.49 -4.07
N LYS B 136 -32.89 -70.76 -3.67
CA LYS B 136 -33.94 -71.44 -2.90
C LYS B 136 -33.42 -71.85 -1.53
N ASP B 137 -34.35 -72.13 -0.61
CA ASP B 137 -33.97 -72.56 0.73
C ASP B 137 -33.72 -74.07 0.76
N LEU B 138 -33.41 -74.59 1.95
CA LEU B 138 -33.15 -76.01 2.12
C LEU B 138 -34.39 -76.88 1.84
N ASN B 139 -35.52 -76.24 1.57
CA ASN B 139 -36.76 -76.95 1.26
C ASN B 139 -37.12 -76.71 -0.20
N ASN B 140 -36.14 -76.24 -0.97
CA ASN B 140 -36.33 -75.99 -2.39
C ASN B 140 -37.34 -74.89 -2.71
N LYS B 141 -37.53 -73.97 -1.78
CA LYS B 141 -38.48 -72.87 -1.99
C LYS B 141 -37.70 -71.57 -2.25
N LEU B 142 -38.24 -70.72 -3.11
CA LEU B 142 -37.59 -69.45 -3.40
C LEU B 142 -37.41 -68.62 -2.13
N ARG B 143 -36.24 -68.05 -1.95
CA ARG B 143 -35.97 -67.24 -0.77
C ARG B 143 -36.57 -65.84 -0.84
N VAL B 144 -37.04 -65.35 0.31
CA VAL B 144 -37.62 -64.02 0.42
C VAL B 144 -37.33 -63.42 1.78
N GLY B 145 -37.44 -62.11 1.84
CA GLY B 145 -37.22 -61.38 3.07
C GLY B 145 -38.36 -60.41 3.21
N ALA B 146 -38.44 -59.73 4.36
CA ALA B 146 -39.50 -58.77 4.60
C ALA B 146 -39.01 -57.66 5.51
N ALA B 147 -39.41 -56.43 5.21
CA ALA B 147 -39.02 -55.27 5.99
C ALA B 147 -39.98 -55.05 7.15
N VAL B 148 -39.42 -54.76 8.31
CA VAL B 148 -40.22 -54.54 9.52
C VAL B 148 -39.62 -53.35 10.27
N SER B 149 -40.41 -52.64 11.06
CA SER B 149 -39.90 -51.50 11.81
C SER B 149 -40.66 -51.24 13.11
N ILE B 150 -40.14 -50.31 13.91
CA ILE B 150 -40.77 -49.96 15.18
C ILE B 150 -42.23 -49.57 14.98
N ASP B 151 -43.13 -50.30 15.64
CA ASP B 151 -44.55 -50.00 15.52
C ASP B 151 -45.35 -50.77 16.56
N ILE B 152 -46.54 -50.27 16.88
CA ILE B 152 -47.41 -50.89 17.88
C ILE B 152 -47.68 -52.37 17.64
N ASP B 153 -47.69 -52.79 16.38
CA ASP B 153 -47.96 -54.18 16.04
C ASP B 153 -46.76 -54.90 15.43
N THR B 154 -45.57 -54.32 15.60
CA THR B 154 -44.35 -54.91 15.05
C THR B 154 -44.20 -56.40 15.38
N ILE B 155 -44.17 -56.73 16.66
CA ILE B 155 -44.01 -58.12 17.08
C ILE B 155 -45.09 -59.02 16.51
N GLU B 156 -46.28 -58.47 16.29
CA GLU B 156 -47.37 -59.24 15.73
C GLU B 156 -47.08 -59.49 14.25
N ARG B 157 -46.61 -58.45 13.57
CA ARG B 157 -46.28 -58.57 12.16
C ARG B 157 -45.21 -59.64 11.95
N VAL B 158 -44.17 -59.62 12.79
CA VAL B 158 -43.10 -60.60 12.69
C VAL B 158 -43.63 -62.03 12.84
N GLU B 159 -44.52 -62.22 13.82
CA GLU B 159 -45.11 -63.54 14.09
C GLU B 159 -45.74 -64.14 12.84
N GLU B 160 -46.50 -63.32 12.11
CA GLU B 160 -47.15 -63.77 10.88
C GLU B 160 -46.12 -64.08 9.78
N LEU B 161 -45.13 -63.21 9.64
CA LEU B 161 -44.07 -63.40 8.66
C LEU B 161 -43.33 -64.71 8.92
N VAL B 162 -43.04 -64.98 10.18
CA VAL B 162 -42.35 -66.21 10.54
C VAL B 162 -43.21 -67.43 10.21
N LYS B 163 -44.53 -67.28 10.33
CA LYS B 163 -45.46 -68.37 10.04
C LYS B 163 -45.53 -68.62 8.53
N ALA B 164 -45.19 -67.59 7.75
CA ALA B 164 -45.19 -67.70 6.30
C ALA B 164 -43.83 -68.21 5.85
N HIS B 165 -42.97 -68.52 6.82
CA HIS B 165 -41.63 -69.04 6.58
C HIS B 165 -40.65 -68.09 5.89
N VAL B 166 -40.70 -66.81 6.24
CA VAL B 166 -39.80 -65.84 5.65
C VAL B 166 -38.35 -66.27 5.94
N ASP B 167 -37.46 -66.12 4.96
CA ASP B 167 -36.06 -66.52 5.13
C ASP B 167 -35.25 -65.59 6.00
N ILE B 168 -35.54 -64.30 5.91
CA ILE B 168 -34.79 -63.33 6.68
C ILE B 168 -35.60 -62.06 6.93
N LEU B 169 -35.33 -61.41 8.05
CA LEU B 169 -36.04 -60.20 8.42
C LEU B 169 -35.14 -58.98 8.33
N VAL B 170 -35.71 -57.87 7.87
CA VAL B 170 -34.97 -56.62 7.77
C VAL B 170 -35.56 -55.60 8.75
N ILE B 171 -34.80 -55.26 9.77
CA ILE B 171 -35.25 -54.25 10.73
C ILE B 171 -34.83 -52.96 10.04
N ASP B 172 -35.75 -52.31 9.35
CA ASP B 172 -35.42 -51.10 8.61
C ASP B 172 -35.78 -49.79 9.30
N SER B 173 -34.75 -49.03 9.62
CA SER B 173 -34.88 -47.74 10.26
C SER B 173 -33.93 -46.78 9.53
N ALA B 174 -34.28 -45.50 9.52
CA ALA B 174 -33.43 -44.50 8.89
C ALA B 174 -32.20 -44.30 9.77
N HIS B 175 -32.33 -44.65 11.04
CA HIS B 175 -31.27 -44.50 12.02
C HIS B 175 -31.24 -45.73 12.92
N GLY B 176 -30.60 -46.80 12.44
CA GLY B 176 -30.53 -48.03 13.20
C GLY B 176 -29.75 -47.93 14.50
N HIS B 177 -28.86 -46.95 14.62
CA HIS B 177 -28.05 -46.81 15.83
C HIS B 177 -28.83 -46.10 16.94
N SER B 178 -30.04 -46.57 17.21
CA SER B 178 -30.87 -45.99 18.25
C SER B 178 -31.20 -47.05 19.30
N THR B 179 -31.50 -46.59 20.51
CA THR B 179 -31.86 -47.47 21.60
C THR B 179 -33.11 -48.30 21.28
N ARG B 180 -34.09 -47.67 20.66
CA ARG B 180 -35.32 -48.37 20.32
C ARG B 180 -35.07 -49.51 19.34
N ILE B 181 -34.19 -49.30 18.36
CA ILE B 181 -33.89 -50.35 17.38
C ILE B 181 -33.09 -51.47 18.02
N ILE B 182 -32.16 -51.12 18.89
CA ILE B 182 -31.36 -52.13 19.56
C ILE B 182 -32.22 -53.01 20.47
N GLU B 183 -33.26 -52.42 21.07
CA GLU B 183 -34.15 -53.17 21.95
C GLU B 183 -35.09 -54.04 21.14
N LEU B 184 -35.45 -53.58 19.94
CA LEU B 184 -36.37 -54.34 19.08
C LEU B 184 -35.65 -55.58 18.55
N ILE B 185 -34.38 -55.41 18.20
CA ILE B 185 -33.59 -56.52 17.69
C ILE B 185 -33.48 -57.56 18.81
N LYS B 186 -33.09 -57.10 19.99
CA LYS B 186 -32.94 -57.97 21.15
C LYS B 186 -34.21 -58.78 21.39
N LYS B 187 -35.35 -58.10 21.30
CA LYS B 187 -36.64 -58.73 21.51
C LYS B 187 -36.93 -59.81 20.47
N ILE B 188 -36.77 -59.47 19.19
CA ILE B 188 -37.01 -60.42 18.12
C ILE B 188 -36.05 -61.60 18.17
N LYS B 189 -34.77 -61.31 18.42
CA LYS B 189 -33.76 -62.35 18.46
C LYS B 189 -34.05 -63.35 19.57
N THR B 190 -34.65 -62.88 20.65
CA THR B 190 -34.97 -63.73 21.79
C THR B 190 -36.22 -64.58 21.54
N LYS B 191 -37.21 -63.99 20.87
CA LYS B 191 -38.43 -64.73 20.58
C LYS B 191 -38.24 -65.70 19.42
N TYR B 192 -37.30 -65.38 18.53
CA TYR B 192 -37.01 -66.23 17.38
C TYR B 192 -35.50 -66.30 17.18
N PRO B 193 -34.79 -67.02 18.05
CA PRO B 193 -33.33 -67.17 18.00
C PRO B 193 -32.74 -67.70 16.69
N ASN B 194 -33.57 -68.29 15.84
CA ASN B 194 -33.06 -68.81 14.56
C ASN B 194 -33.52 -68.02 13.34
N LEU B 195 -34.06 -66.82 13.57
CA LEU B 195 -34.51 -65.99 12.46
C LEU B 195 -33.30 -65.14 12.08
N ASP B 196 -32.89 -65.18 10.81
CA ASP B 196 -31.74 -64.35 10.43
C ASP B 196 -32.21 -62.89 10.41
N LEU B 197 -31.37 -62.00 10.91
CA LEU B 197 -31.74 -60.58 10.94
C LEU B 197 -30.76 -59.64 10.25
N ILE B 198 -31.30 -58.72 9.48
CA ILE B 198 -30.52 -57.68 8.83
C ILE B 198 -30.93 -56.48 9.70
N ALA B 199 -29.95 -55.81 10.31
CA ALA B 199 -30.29 -54.67 11.19
C ALA B 199 -30.05 -53.29 10.60
N GLY B 200 -31.10 -52.47 10.71
CA GLY B 200 -31.18 -51.09 10.26
C GLY B 200 -29.99 -50.41 9.65
N ASN B 201 -30.23 -49.26 9.01
CA ASN B 201 -29.13 -48.55 8.37
C ASN B 201 -28.20 -47.78 9.29
N ILE B 202 -26.90 -48.01 9.09
CA ILE B 202 -25.85 -47.39 9.86
C ILE B 202 -24.68 -47.00 8.96
N VAL B 203 -23.73 -46.26 9.52
CA VAL B 203 -22.57 -45.82 8.77
C VAL B 203 -21.31 -45.72 9.64
N THR B 204 -21.38 -46.23 10.87
CA THR B 204 -20.24 -46.16 11.78
C THR B 204 -19.86 -47.48 12.44
N LYS B 205 -18.63 -47.53 12.95
CA LYS B 205 -18.09 -48.69 13.64
C LYS B 205 -18.84 -48.93 14.95
N GLU B 206 -19.13 -47.86 15.68
CA GLU B 206 -19.82 -47.97 16.95
C GLU B 206 -21.22 -48.53 16.75
N ALA B 207 -21.84 -48.15 15.64
CA ALA B 207 -23.19 -48.63 15.34
C ALA B 207 -23.17 -50.13 15.05
N ALA B 208 -22.18 -50.58 14.27
CA ALA B 208 -22.07 -51.99 13.92
C ALA B 208 -21.87 -52.85 15.16
N LEU B 209 -21.06 -52.36 16.09
CA LEU B 209 -20.79 -53.09 17.32
C LEU B 209 -22.06 -53.29 18.13
N ASP B 210 -22.76 -52.20 18.41
CA ASP B 210 -23.97 -52.25 19.20
C ASP B 210 -25.05 -53.13 18.57
N LEU B 211 -25.26 -53.01 17.26
CA LEU B 211 -26.29 -53.82 16.60
C LEU B 211 -25.94 -55.30 16.58
N ILE B 212 -24.65 -55.60 16.53
CA ILE B 212 -24.19 -56.97 16.52
C ILE B 212 -24.31 -57.57 17.93
N SER B 213 -24.02 -56.76 18.93
CA SER B 213 -24.10 -57.18 20.33
C SER B 213 -25.48 -57.71 20.69
N VAL B 214 -26.51 -57.24 20.02
CA VAL B 214 -27.86 -57.70 20.32
C VAL B 214 -28.38 -58.77 19.37
N GLY B 215 -27.53 -59.27 18.49
CA GLY B 215 -27.94 -60.33 17.59
C GLY B 215 -28.10 -60.12 16.10
N ALA B 216 -27.69 -58.97 15.58
CA ALA B 216 -27.80 -58.73 14.14
C ALA B 216 -26.89 -59.71 13.38
N ASP B 217 -27.40 -60.30 12.31
CA ASP B 217 -26.61 -61.25 11.53
C ASP B 217 -26.00 -60.61 10.30
N CYS B 218 -26.57 -59.48 9.88
CA CYS B 218 -26.08 -58.74 8.73
C CYS B 218 -26.39 -57.27 8.95
N LEU B 219 -25.44 -56.40 8.58
CA LEU B 219 -25.60 -54.98 8.77
C LEU B 219 -25.83 -54.26 7.44
N LYS B 220 -26.84 -53.39 7.39
CA LYS B 220 -27.12 -52.66 6.16
C LYS B 220 -26.57 -51.24 6.33
N VAL B 221 -25.67 -50.88 5.41
CA VAL B 221 -25.00 -49.60 5.42
C VAL B 221 -25.57 -48.59 4.43
N GLY B 222 -25.78 -47.36 4.91
CA GLY B 222 -26.31 -46.32 4.03
C GLY B 222 -27.17 -45.22 4.66
N ILE B 223 -26.55 -44.08 4.93
CA ILE B 223 -27.27 -42.92 5.46
C ILE B 223 -26.74 -41.65 4.82
N GLY B 224 -27.60 -40.96 4.06
CA GLY B 224 -27.22 -39.73 3.40
C GLY B 224 -25.90 -39.74 2.65
N PRO B 225 -25.74 -40.60 1.64
CA PRO B 225 -24.51 -40.72 0.82
C PRO B 225 -24.31 -39.59 -0.18
N GLY B 226 -25.42 -38.99 -0.62
CA GLY B 226 -25.34 -37.92 -1.60
C GLY B 226 -25.84 -36.59 -1.09
N SER B 227 -25.27 -35.51 -1.62
CA SER B 227 -25.65 -34.16 -1.23
C SER B 227 -27.10 -33.86 -1.56
N ILE B 228 -27.64 -34.55 -2.57
CA ILE B 228 -29.02 -34.34 -2.97
C ILE B 228 -29.98 -35.29 -2.26
N CYS B 229 -29.46 -36.01 -1.27
CA CYS B 229 -30.26 -36.94 -0.50
C CYS B 229 -31.10 -36.17 0.52
N THR B 230 -32.29 -36.69 0.80
CA THR B 230 -33.19 -36.04 1.74
C THR B 230 -32.60 -35.84 3.15
N THR B 231 -32.01 -36.88 3.73
CA THR B 231 -31.46 -36.74 5.07
C THR B 231 -30.28 -35.77 5.10
N ARG B 232 -29.63 -35.62 3.95
CA ARG B 232 -28.48 -34.72 3.86
C ARG B 232 -28.96 -33.26 3.74
N ILE B 233 -30.07 -33.06 3.02
CA ILE B 233 -30.64 -31.74 2.81
C ILE B 233 -31.56 -31.26 3.93
N VAL B 234 -32.43 -32.14 4.41
CA VAL B 234 -33.38 -31.82 5.49
C VAL B 234 -32.66 -31.78 6.83
N ALA B 235 -31.89 -32.82 7.09
CA ALA B 235 -31.09 -32.89 8.30
C ALA B 235 -29.73 -32.70 7.63
N GLY B 236 -28.69 -32.30 8.34
CA GLY B 236 -27.43 -32.13 7.64
C GLY B 236 -26.62 -33.36 7.96
N VAL B 237 -27.25 -34.51 7.75
CA VAL B 237 -26.69 -35.80 8.10
C VAL B 237 -26.42 -36.81 6.99
N GLY B 238 -25.35 -37.59 7.16
CA GLY B 238 -25.00 -38.59 6.18
C GLY B 238 -23.51 -38.74 5.99
N VAL B 239 -23.10 -39.91 5.51
CA VAL B 239 -21.69 -40.20 5.26
C VAL B 239 -21.57 -40.84 3.89
N PRO B 240 -20.72 -40.28 3.00
CA PRO B 240 -20.54 -40.84 1.65
C PRO B 240 -20.30 -42.36 1.75
N GLN B 241 -21.03 -43.12 0.93
CA GLN B 241 -21.01 -44.58 0.93
C GLN B 241 -19.69 -45.33 1.05
N ILE B 242 -18.71 -45.01 0.21
CA ILE B 242 -17.45 -45.74 0.24
C ILE B 242 -16.80 -45.75 1.62
N THR B 243 -16.77 -44.59 2.27
CA THR B 243 -16.17 -44.50 3.60
C THR B 243 -17.05 -45.19 4.65
N ALA B 244 -18.37 -45.15 4.46
CA ALA B 244 -19.29 -45.80 5.39
C ALA B 244 -19.08 -47.32 5.35
N ILE B 245 -18.96 -47.86 4.14
CA ILE B 245 -18.75 -49.30 3.99
C ILE B 245 -17.38 -49.64 4.57
N CYS B 246 -16.37 -48.84 4.23
CA CYS B 246 -15.02 -49.07 4.74
C CYS B 246 -14.97 -49.04 6.25
N ASP B 247 -15.60 -48.04 6.86
CA ASP B 247 -15.60 -47.95 8.31
C ASP B 247 -16.27 -49.16 8.94
N VAL B 248 -17.45 -49.52 8.47
CA VAL B 248 -18.16 -50.65 9.01
C VAL B 248 -17.40 -51.95 8.77
N TYR B 249 -16.83 -52.10 7.58
CA TYR B 249 -16.06 -53.30 7.24
C TYR B 249 -14.88 -53.47 8.17
N GLU B 250 -14.17 -52.36 8.41
CA GLU B 250 -13.01 -52.37 9.29
C GLU B 250 -13.38 -52.86 10.67
N ALA B 251 -14.66 -52.83 11.00
CA ALA B 251 -15.13 -53.29 12.30
C ALA B 251 -15.55 -54.75 12.23
N CYS B 252 -16.38 -55.08 11.25
CA CYS B 252 -16.87 -56.44 11.09
C CYS B 252 -15.83 -57.37 10.48
N ASN B 253 -14.57 -57.08 10.76
CA ASN B 253 -13.48 -57.91 10.27
C ASN B 253 -13.24 -58.97 11.33
N ASN B 254 -13.03 -60.20 10.88
CA ASN B 254 -12.79 -61.34 11.77
C ASN B 254 -14.09 -61.91 12.32
N THR B 255 -15.23 -61.40 11.87
CA THR B 255 -16.51 -61.88 12.34
C THR B 255 -17.28 -62.55 11.20
N ASN B 256 -18.40 -63.17 11.51
CA ASN B 256 -19.22 -63.83 10.51
C ASN B 256 -20.41 -62.96 10.17
N ILE B 257 -20.29 -61.67 10.48
CA ILE B 257 -21.36 -60.72 10.21
C ILE B 257 -21.18 -60.10 8.83
N CYS B 258 -22.20 -60.23 7.99
CA CYS B 258 -22.15 -59.72 6.63
C CYS B 258 -22.55 -58.25 6.53
N ILE B 259 -22.29 -57.66 5.36
CA ILE B 259 -22.61 -56.27 5.11
C ILE B 259 -23.36 -56.06 3.81
N ILE B 260 -24.39 -55.25 3.87
CA ILE B 260 -25.16 -54.90 2.69
C ILE B 260 -24.92 -53.40 2.46
N ALA B 261 -24.54 -53.02 1.25
CA ALA B 261 -24.33 -51.61 0.92
C ALA B 261 -25.65 -51.18 0.32
N ASP B 262 -26.40 -50.36 1.04
CA ASP B 262 -27.71 -49.94 0.56
C ASP B 262 -27.79 -48.52 0.02
N GLY B 263 -28.17 -48.42 -1.26
CA GLY B 263 -28.34 -47.13 -1.89
C GLY B 263 -27.25 -46.48 -2.72
N GLY B 264 -27.67 -45.61 -3.64
CA GLY B 264 -26.75 -44.87 -4.47
C GLY B 264 -26.16 -45.57 -5.68
N ILE B 265 -26.64 -46.76 -5.99
CA ILE B 265 -26.12 -47.49 -7.15
C ILE B 265 -26.76 -46.96 -8.42
N ARG B 266 -25.93 -46.40 -9.30
CA ARG B 266 -26.37 -45.84 -10.59
C ARG B 266 -25.81 -46.67 -11.75
N PHE B 267 -24.57 -47.14 -11.60
CA PHE B 267 -23.91 -47.95 -12.62
C PHE B 267 -23.32 -49.21 -12.00
N SER B 268 -23.03 -50.20 -12.84
CA SER B 268 -22.43 -51.44 -12.36
C SER B 268 -21.11 -51.12 -11.65
N GLY B 269 -20.45 -50.06 -12.12
CA GLY B 269 -19.18 -49.65 -11.52
C GLY B 269 -19.31 -49.32 -10.04
N ASP B 270 -20.50 -48.89 -9.61
CA ASP B 270 -20.72 -48.57 -8.21
C ASP B 270 -20.78 -49.87 -7.38
N VAL B 271 -21.36 -50.91 -7.97
CA VAL B 271 -21.48 -52.20 -7.31
C VAL B 271 -20.07 -52.74 -7.04
N VAL B 272 -19.20 -52.68 -8.06
CA VAL B 272 -17.83 -53.16 -7.92
C VAL B 272 -17.13 -52.43 -6.79
N LYS B 273 -17.27 -51.10 -6.75
CA LYS B 273 -16.65 -50.30 -5.71
C LYS B 273 -17.23 -50.60 -4.33
N ALA B 274 -18.56 -50.77 -4.29
CA ALA B 274 -19.26 -51.06 -3.03
C ALA B 274 -18.72 -52.35 -2.42
N ILE B 275 -18.57 -53.37 -3.25
CA ILE B 275 -18.05 -54.66 -2.80
C ILE B 275 -16.56 -54.53 -2.45
N ALA B 276 -15.81 -53.79 -3.27
CA ALA B 276 -14.38 -53.59 -3.03
C ALA B 276 -14.15 -52.86 -1.71
N ALA B 277 -15.10 -52.02 -1.32
CA ALA B 277 -14.98 -51.27 -0.07
C ALA B 277 -15.23 -52.20 1.12
N GLY B 278 -15.79 -53.38 0.84
CA GLY B 278 -16.05 -54.34 1.91
C GLY B 278 -17.46 -54.92 2.01
N ALA B 279 -18.35 -54.48 1.13
CA ALA B 279 -19.72 -54.99 1.15
C ALA B 279 -19.77 -56.41 0.59
N ASP B 280 -20.76 -57.18 1.05
CA ASP B 280 -20.94 -58.54 0.57
C ASP B 280 -21.99 -58.54 -0.52
N SER B 281 -22.90 -57.59 -0.44
CA SER B 281 -23.97 -57.46 -1.42
C SER B 281 -24.44 -56.03 -1.51
N VAL B 282 -25.36 -55.81 -2.43
CA VAL B 282 -25.87 -54.49 -2.69
C VAL B 282 -27.39 -54.47 -2.75
N MET B 283 -27.98 -53.45 -2.14
CA MET B 283 -29.43 -53.30 -2.18
C MET B 283 -29.70 -52.18 -3.16
N ILE B 284 -30.58 -52.44 -4.12
CA ILE B 284 -30.89 -51.48 -5.16
C ILE B 284 -32.39 -51.22 -5.24
N GLY B 285 -32.75 -49.96 -5.41
CA GLY B 285 -34.15 -49.59 -5.52
C GLY B 285 -34.48 -48.86 -6.81
N ASN B 286 -33.95 -47.65 -6.95
CA ASN B 286 -34.21 -46.82 -8.11
C ASN B 286 -33.94 -47.46 -9.48
N LEU B 287 -32.86 -48.22 -9.61
CA LEU B 287 -32.55 -48.88 -10.89
C LEU B 287 -33.53 -50.00 -11.22
N PHE B 288 -34.21 -50.52 -10.20
CA PHE B 288 -35.18 -51.61 -10.40
C PHE B 288 -36.60 -51.06 -10.48
N ALA B 289 -36.77 -49.78 -10.18
CA ALA B 289 -38.08 -49.13 -10.17
C ALA B 289 -38.81 -49.07 -11.51
N GLY B 290 -38.05 -49.03 -12.60
CA GLY B 290 -38.67 -48.96 -13.91
C GLY B 290 -38.79 -50.31 -14.59
N THR B 291 -38.49 -51.37 -13.85
CA THR B 291 -38.58 -52.71 -14.42
C THR B 291 -40.02 -53.20 -14.42
N LYS B 292 -40.28 -54.22 -15.23
CA LYS B 292 -41.61 -54.79 -15.37
C LYS B 292 -42.18 -55.29 -14.04
N GLU B 293 -41.37 -56.02 -13.29
CA GLU B 293 -41.78 -56.60 -12.02
C GLU B 293 -42.04 -55.68 -10.84
N SER B 294 -41.61 -54.41 -10.91
CA SER B 294 -41.87 -53.50 -9.80
C SER B 294 -43.39 -53.36 -9.68
N PRO B 295 -43.89 -52.99 -8.48
CA PRO B 295 -45.32 -52.82 -8.22
C PRO B 295 -46.03 -51.80 -9.12
N SER B 296 -45.27 -50.86 -9.66
CA SER B 296 -45.82 -49.83 -10.53
C SER B 296 -46.63 -50.38 -11.70
N GLU B 297 -47.33 -49.50 -12.40
CA GLU B 297 -48.14 -49.90 -13.55
C GLU B 297 -47.51 -49.36 -14.84
N GLU B 298 -47.55 -50.14 -15.90
CA GLU B 298 -46.97 -49.74 -17.18
C GLU B 298 -47.81 -48.73 -17.96
N ILE B 299 -47.16 -47.70 -18.48
CA ILE B 299 -47.85 -46.66 -19.21
C ILE B 299 -47.14 -46.25 -20.49
N ILE B 300 -47.91 -46.04 -21.56
CA ILE B 300 -47.33 -45.60 -22.83
C ILE B 300 -47.74 -44.14 -23.00
N TYR B 301 -46.78 -43.24 -22.90
CA TYR B 301 -47.05 -41.81 -23.04
C TYR B 301 -46.81 -41.34 -24.47
N ASN B 302 -45.95 -40.33 -24.62
CA ASN B 302 -45.64 -39.79 -25.93
C ASN B 302 -44.86 -40.79 -26.78
N GLY B 303 -45.46 -41.96 -27.00
CA GLY B 303 -44.80 -42.99 -27.79
C GLY B 303 -43.81 -43.82 -26.98
N LYS B 304 -43.49 -43.36 -25.78
CA LYS B 304 -42.55 -44.07 -24.91
C LYS B 304 -43.28 -44.85 -23.83
N LYS B 305 -42.55 -45.67 -23.09
CA LYS B 305 -43.15 -46.47 -22.03
C LYS B 305 -42.58 -46.11 -20.67
N PHE B 306 -43.44 -46.07 -19.66
CA PHE B 306 -43.01 -45.73 -18.31
C PHE B 306 -43.59 -46.64 -17.24
N LYS B 307 -43.36 -46.26 -16.00
CA LYS B 307 -43.85 -47.02 -14.85
C LYS B 307 -44.69 -46.02 -14.05
N SER B 308 -45.91 -46.42 -13.71
CA SER B 308 -46.86 -45.59 -12.98
C SER B 308 -46.46 -45.11 -11.58
N TYR B 309 -47.21 -45.54 -10.58
CA TYR B 309 -47.02 -45.18 -9.17
C TYR B 309 -47.23 -43.68 -8.92
N GLY B 344 -44.36 -38.19 -10.83
CA GLY B 344 -44.05 -39.57 -10.35
C GLY B 344 -44.19 -40.59 -11.46
N MET B 345 -43.19 -40.66 -12.32
CA MET B 345 -43.22 -41.58 -13.44
C MET B 345 -41.81 -41.86 -13.94
N VAL B 346 -41.34 -43.08 -13.73
CA VAL B 346 -40.00 -43.49 -14.15
C VAL B 346 -40.02 -44.21 -15.50
N PRO B 347 -38.97 -44.03 -16.32
CA PRO B 347 -38.88 -44.68 -17.63
C PRO B 347 -38.79 -46.20 -17.53
N TYR B 348 -39.48 -46.88 -18.44
CA TYR B 348 -39.50 -48.35 -18.46
C TYR B 348 -38.12 -48.90 -18.81
N SER B 349 -37.73 -50.00 -18.16
CA SER B 349 -36.43 -50.60 -18.42
C SER B 349 -36.49 -52.07 -18.78
N GLY B 350 -37.72 -52.59 -18.94
CA GLY B 350 -37.88 -53.99 -19.30
C GLY B 350 -37.88 -54.89 -18.08
N LYS B 351 -37.72 -56.19 -18.31
CA LYS B 351 -37.70 -57.15 -17.22
C LYS B 351 -36.44 -56.97 -16.40
N LEU B 352 -36.52 -57.35 -15.11
CA LEU B 352 -35.40 -57.24 -14.19
C LEU B 352 -34.16 -57.95 -14.74
N LYS B 353 -34.36 -59.13 -15.33
CA LYS B 353 -33.28 -59.94 -15.89
C LYS B 353 -32.32 -59.12 -16.74
N ASP B 354 -32.88 -58.25 -17.58
CA ASP B 354 -32.07 -57.42 -18.48
C ASP B 354 -31.14 -56.52 -17.68
N ILE B 355 -31.67 -55.87 -16.66
CA ILE B 355 -30.85 -54.98 -15.85
C ILE B 355 -29.81 -55.78 -15.09
N LEU B 356 -30.24 -56.90 -14.51
CA LEU B 356 -29.33 -57.74 -13.74
C LEU B 356 -28.18 -58.25 -14.62
N THR B 357 -28.47 -58.51 -15.88
CA THR B 357 -27.45 -59.00 -16.80
C THR B 357 -26.38 -57.93 -17.01
N GLN B 358 -26.79 -56.67 -17.07
CA GLN B 358 -25.85 -55.56 -17.24
C GLN B 358 -24.96 -55.43 -16.01
N LEU B 359 -25.61 -55.35 -14.83
CA LEU B 359 -24.89 -55.20 -13.58
C LEU B 359 -23.93 -56.36 -13.30
N LYS B 360 -24.39 -57.58 -13.56
CA LYS B 360 -23.54 -58.73 -13.34
C LYS B 360 -22.37 -58.64 -14.32
N GLY B 361 -22.69 -58.34 -15.58
CA GLY B 361 -21.67 -58.22 -16.61
C GLY B 361 -20.59 -57.26 -16.19
N GLY B 362 -20.99 -56.08 -15.71
CA GLY B 362 -20.02 -55.09 -15.26
C GLY B 362 -19.23 -55.55 -14.05
N LEU B 363 -19.88 -56.25 -13.13
CA LEU B 363 -19.21 -56.74 -11.92
C LEU B 363 -18.15 -57.80 -12.29
N MET B 364 -18.49 -58.70 -13.20
CA MET B 364 -17.55 -59.72 -13.66
C MET B 364 -16.34 -59.02 -14.31
N SER B 365 -16.62 -58.02 -15.14
CA SER B 365 -15.55 -57.27 -15.80
C SER B 365 -14.60 -56.67 -14.76
N GLY B 366 -15.18 -56.00 -13.75
CA GLY B 366 -14.38 -55.40 -12.70
C GLY B 366 -13.56 -56.43 -11.94
N MET B 367 -14.15 -57.60 -11.70
CA MET B 367 -13.43 -58.65 -11.00
C MET B 367 -12.25 -59.15 -11.85
N GLY B 368 -12.45 -59.16 -13.17
CA GLY B 368 -11.39 -59.57 -14.08
C GLY B 368 -10.21 -58.61 -13.97
N TYR B 369 -10.50 -57.31 -13.98
CA TYR B 369 -9.47 -56.28 -13.86
C TYR B 369 -8.71 -56.42 -12.54
N LEU B 370 -9.41 -56.85 -11.50
CA LEU B 370 -8.82 -56.99 -10.18
C LEU B 370 -8.27 -58.37 -9.85
N GLY B 371 -8.35 -59.28 -10.81
CA GLY B 371 -7.86 -60.63 -10.58
C GLY B 371 -8.59 -61.30 -9.43
N ALA B 372 -9.90 -61.09 -9.38
CA ALA B 372 -10.72 -61.66 -8.33
C ALA B 372 -11.61 -62.76 -8.89
N ALA B 373 -11.52 -63.96 -8.32
CA ALA B 373 -12.32 -65.08 -8.78
C ALA B 373 -13.66 -65.13 -8.03
N THR B 374 -13.67 -64.57 -6.82
CA THR B 374 -14.86 -64.54 -5.97
C THR B 374 -15.04 -63.17 -5.36
N ILE B 375 -16.26 -62.90 -4.91
CA ILE B 375 -16.58 -61.63 -4.29
C ILE B 375 -15.69 -61.44 -3.07
N SER B 376 -15.31 -62.54 -2.43
CA SER B 376 -14.45 -62.44 -1.27
C SER B 376 -13.08 -61.88 -1.67
N ASP B 377 -12.59 -62.26 -2.85
CA ASP B 377 -11.29 -61.75 -3.31
C ASP B 377 -11.38 -60.26 -3.61
N LEU B 378 -12.45 -59.84 -4.28
CA LEU B 378 -12.66 -58.44 -4.62
C LEU B 378 -12.55 -57.58 -3.36
N LYS B 379 -13.03 -58.12 -2.24
CA LYS B 379 -12.98 -57.40 -0.97
C LYS B 379 -11.60 -57.35 -0.33
N ILE B 380 -10.81 -58.42 -0.48
CA ILE B 380 -9.48 -58.43 0.12
C ILE B 380 -8.40 -57.86 -0.79
N ASN B 381 -8.36 -58.32 -2.03
CA ASN B 381 -7.36 -57.85 -2.99
C ASN B 381 -7.96 -56.71 -3.79
N SER B 382 -7.81 -55.49 -3.31
CA SER B 382 -8.38 -54.37 -4.03
C SER B 382 -7.96 -53.04 -3.43
N LYS B 383 -7.56 -52.12 -4.29
CA LYS B 383 -7.13 -50.80 -3.85
C LYS B 383 -7.74 -49.70 -4.70
N PHE B 384 -7.96 -48.55 -4.08
CA PHE B 384 -8.52 -47.44 -4.81
C PHE B 384 -7.47 -46.32 -4.89
N VAL B 385 -7.74 -45.37 -5.78
CA VAL B 385 -6.93 -44.16 -5.88
C VAL B 385 -8.05 -43.15 -5.64
N LYS B 386 -7.74 -42.04 -5.00
CA LYS B 386 -8.75 -41.00 -4.78
C LYS B 386 -8.73 -40.13 -6.03
N ILE B 387 -9.91 -39.91 -6.61
CA ILE B 387 -10.04 -39.11 -7.82
C ILE B 387 -10.43 -37.65 -7.55
N SER B 388 -10.10 -36.78 -8.49
CA SER B 388 -10.42 -35.36 -8.40
C SER B 388 -11.92 -35.13 -8.65
N HIS B 389 -12.71 -36.20 -8.48
CA HIS B 389 -14.16 -36.15 -8.67
C HIS B 389 -14.52 -35.72 -10.09
#